data_5WIO
#
_entry.id   5WIO
#
_cell.length_a   112.911
_cell.length_b   125.535
_cell.length_c   110.453
_cell.angle_alpha   90.00
_cell.angle_beta   90.00
_cell.angle_gamma   90.00
#
_symmetry.space_group_name_H-M   'C 2 2 21'
#
loop_
_entity.id
_entity.type
_entity.pdbx_description
1 polymer 'Conjugal transfer protein'
2 non-polymer '4-(1H-pyrrol-1-yl)pyridine-2-carboxylic acid'
3 water water
#
_entity_poly.entity_id   1
_entity_poly.type   'polypeptide(L)'
_entity_poly.pdbx_seq_one_letter_code
;AHLLTLNEATHEVQQVKLTRDQTSYGDEIDKFWLTQYVIHRESYDFYSVQVDYTAVGLMSTPNVAESYQSKFKGRNGLDK
VLGDSETTRVKINSVILDKPHGVATIRFTTVRRVRSNPVDDQPQRWIAIMGYEYKSLAMNAEQRYVNPLGFRVTSYRVNP
EVN
;
_entity_poly.pdbx_strand_id   A,B,C,D
#
loop_
_chem_comp.id
_chem_comp.type
_chem_comp.name
_chem_comp.formula
XXE non-polymer '4-(1H-pyrrol-1-yl)pyridine-2-carboxylic acid' 'C10 H8 N2 O2'
#
# COMPACT_ATOMS: atom_id res chain seq x y z
N THR A 19 -13.70 4.76 28.32
CA THR A 19 -13.65 6.16 28.72
C THR A 19 -14.80 6.52 29.66
N ARG A 20 -16.01 6.51 29.11
CA ARG A 20 -17.20 6.84 29.89
C ARG A 20 -18.30 5.80 29.69
N ASP A 21 -19.03 5.52 30.76
CA ASP A 21 -20.10 4.56 30.63
C ASP A 21 -20.96 5.22 29.59
N GLN A 22 -21.33 4.44 28.59
CA GLN A 22 -22.16 4.92 27.49
C GLN A 22 -22.64 3.78 26.60
N THR A 23 -23.92 3.78 26.27
CA THR A 23 -24.50 2.70 25.48
C THR A 23 -24.19 2.85 24.00
N SER A 24 -24.13 4.09 23.52
CA SER A 24 -23.89 4.35 22.10
C SER A 24 -23.00 5.56 21.87
N TYR A 25 -22.34 5.59 20.72
CA TYR A 25 -21.44 6.68 20.38
C TYR A 25 -21.75 7.26 18.99
N GLY A 26 -22.91 6.90 18.43
CA GLY A 26 -23.29 7.36 17.12
C GLY A 26 -23.24 6.27 16.08
N ASP A 27 -23.81 6.53 14.90
CA ASP A 27 -23.87 5.52 13.84
C ASP A 27 -22.50 5.10 13.34
N GLU A 28 -21.71 6.08 12.92
CA GLU A 28 -20.40 5.80 12.30
C GLU A 28 -19.43 5.14 13.29
N ILE A 29 -19.40 5.65 14.51
CA ILE A 29 -18.50 5.12 15.53
C ILE A 29 -18.85 3.68 15.88
N ASP A 30 -20.12 3.44 16.22
CA ASP A 30 -20.58 2.11 16.58
C ASP A 30 -20.36 1.12 15.44
N LYS A 31 -20.62 1.59 14.22
CA LYS A 31 -20.47 0.77 13.03
C LYS A 31 -19.04 0.26 12.86
N PHE A 32 -18.07 1.12 13.14
CA PHE A 32 -16.67 0.75 12.99
C PHE A 32 -16.25 -0.32 13.99
N TRP A 33 -16.62 -0.10 15.26
CA TRP A 33 -16.27 -1.05 16.32
C TRP A 33 -16.96 -2.40 16.13
N LEU A 34 -18.20 -2.37 15.65
CA LEU A 34 -18.96 -3.59 15.45
C LEU A 34 -18.40 -4.44 14.31
N THR A 35 -18.08 -3.80 13.20
CA THR A 35 -17.53 -4.50 12.04
C THR A 35 -16.14 -5.06 12.35
N GLN A 36 -15.30 -4.25 13.01
CA GLN A 36 -13.96 -4.68 13.39
C GLN A 36 -14.02 -5.93 14.25
N TYR A 37 -14.95 -5.95 15.20
CA TYR A 37 -15.14 -7.08 16.10
C TYR A 37 -15.39 -8.38 15.33
N VAL A 38 -16.37 -8.33 14.42
CA VAL A 38 -16.73 -9.49 13.63
C VAL A 38 -15.56 -9.99 12.78
N ILE A 39 -14.76 -9.07 12.27
CA ILE A 39 -13.61 -9.43 11.46
C ILE A 39 -12.54 -10.08 12.33
N HIS A 40 -12.42 -9.62 13.57
CA HIS A 40 -11.46 -10.18 14.51
C HIS A 40 -11.88 -11.57 14.98
N ARG A 41 -13.17 -11.74 15.23
CA ARG A 41 -13.65 -12.97 15.86
C ARG A 41 -14.07 -14.05 14.86
N GLU A 42 -14.43 -13.66 13.65
CA GLU A 42 -14.88 -14.64 12.66
C GLU A 42 -13.82 -14.96 11.61
N SER A 43 -12.74 -14.19 11.58
CA SER A 43 -11.65 -14.45 10.65
C SER A 43 -10.59 -15.32 11.30
N TYR A 44 -9.95 -16.16 10.49
CA TYR A 44 -8.81 -16.93 10.97
C TYR A 44 -7.62 -16.82 10.02
N ASP A 45 -6.62 -16.09 10.46
CA ASP A 45 -5.35 -16.02 9.74
C ASP A 45 -4.22 -16.35 10.72
N PHE A 46 -3.43 -17.36 10.36
CA PHE A 46 -2.39 -17.88 11.25
C PHE A 46 -1.39 -16.80 11.67
N TYR A 47 -1.30 -15.73 10.89
CA TYR A 47 -0.34 -14.67 11.14
C TYR A 47 -0.86 -13.61 12.11
N SER A 48 -2.17 -13.49 12.20
CA SER A 48 -2.78 -12.44 13.01
C SER A 48 -3.66 -12.98 14.13
N VAL A 49 -3.59 -14.29 14.37
CA VAL A 49 -4.44 -14.95 15.36
C VAL A 49 -4.24 -14.37 16.76
N GLN A 50 -3.00 -14.08 17.12
CA GLN A 50 -2.70 -13.54 18.44
C GLN A 50 -3.29 -12.14 18.58
N VAL A 51 -3.20 -11.35 17.51
CA VAL A 51 -3.74 -10.00 17.52
C VAL A 51 -5.27 -10.03 17.54
N ASP A 52 -5.84 -10.96 16.78
CA ASP A 52 -7.29 -11.12 16.74
C ASP A 52 -7.82 -11.65 18.07
N TYR A 53 -7.08 -12.57 18.67
CA TYR A 53 -7.45 -13.17 19.94
C TYR A 53 -7.47 -12.13 21.06
N THR A 54 -6.44 -11.30 21.11
CA THR A 54 -6.30 -10.28 22.14
C THR A 54 -7.40 -9.22 22.04
N ALA A 55 -7.79 -8.92 20.81
CA ALA A 55 -8.77 -7.87 20.56
C ALA A 55 -10.18 -8.27 21.03
N VAL A 56 -10.57 -9.50 20.72
CA VAL A 56 -11.89 -9.99 21.08
C VAL A 56 -12.09 -10.06 22.59
N GLY A 57 -11.02 -10.37 23.30
CA GLY A 57 -11.07 -10.46 24.74
C GLY A 57 -11.34 -9.11 25.39
N LEU A 58 -10.63 -8.10 24.93
CA LEU A 58 -10.77 -6.74 25.46
C LEU A 58 -12.10 -6.11 25.04
N MET A 59 -12.61 -6.50 23.87
CA MET A 59 -13.86 -5.94 23.37
C MET A 59 -15.05 -6.82 23.71
N SER A 60 -14.94 -7.55 24.82
CA SER A 60 -16.02 -8.45 25.24
C SER A 60 -16.10 -8.60 26.75
N THR A 61 -17.31 -8.83 27.24
CA THR A 61 -17.50 -9.20 28.64
C THR A 61 -16.91 -10.58 28.87
N PRO A 62 -16.67 -10.94 30.14
CA PRO A 62 -16.11 -12.25 30.49
C PRO A 62 -16.93 -13.41 29.93
N ASN A 63 -18.26 -13.32 30.03
CA ASN A 63 -19.15 -14.37 29.55
C ASN A 63 -19.08 -14.53 28.03
N VAL A 64 -19.06 -13.40 27.31
CA VAL A 64 -18.96 -13.41 25.87
C VAL A 64 -17.59 -13.88 25.41
N ALA A 65 -16.56 -13.48 26.15
CA ALA A 65 -15.19 -13.84 25.81
C ALA A 65 -14.88 -15.28 26.20
N GLU A 66 -15.71 -15.85 27.07
CA GLU A 66 -15.49 -17.21 27.56
C GLU A 66 -15.79 -18.26 26.50
N SER A 67 -16.89 -18.07 25.78
CA SER A 67 -17.32 -19.04 24.77
C SER A 67 -16.45 -18.99 23.52
N TYR A 68 -15.72 -17.88 23.35
CA TYR A 68 -14.84 -17.70 22.20
C TYR A 68 -13.44 -18.23 22.48
N GLN A 69 -12.96 -18.01 23.70
CA GLN A 69 -11.63 -18.45 24.11
C GLN A 69 -11.58 -19.95 24.31
N SER A 70 -12.74 -20.59 24.38
CA SER A 70 -12.83 -22.03 24.63
C SER A 70 -12.18 -22.84 23.52
N LYS A 71 -12.40 -22.44 22.27
CA LYS A 71 -11.90 -23.17 21.12
C LYS A 71 -10.38 -23.06 20.94
N PHE A 72 -9.74 -22.33 21.86
CA PHE A 72 -8.30 -22.10 21.76
C PHE A 72 -7.52 -22.79 22.87
N LYS A 73 -8.25 -23.36 23.83
CA LYS A 73 -7.62 -24.00 24.99
C LYS A 73 -7.27 -25.47 24.71
N GLY A 74 -6.10 -25.90 25.18
CA GLY A 74 -5.72 -27.29 25.11
C GLY A 74 -5.00 -27.70 23.84
N ARG A 75 -4.63 -28.98 23.76
CA ARG A 75 -3.94 -29.54 22.60
C ARG A 75 -4.71 -29.31 21.30
N ASN A 76 -6.00 -29.41 21.34
CA ASN A 76 -6.75 -29.30 20.12
C ASN A 76 -7.23 -27.92 19.89
N GLY A 77 -6.61 -26.97 20.57
CA GLY A 77 -6.87 -25.56 20.36
C GLY A 77 -6.74 -25.23 18.89
N LEU A 78 -7.61 -24.37 18.38
CA LEU A 78 -7.70 -24.11 16.94
C LEU A 78 -6.35 -23.77 16.32
N ASP A 79 -5.61 -22.88 16.96
CA ASP A 79 -4.31 -22.47 16.46
C ASP A 79 -3.31 -23.63 16.46
N LYS A 80 -3.47 -24.55 17.41
CA LYS A 80 -2.58 -25.70 17.51
C LYS A 80 -2.91 -26.75 16.45
N VAL A 81 -4.19 -26.82 16.06
CA VAL A 81 -4.64 -27.80 15.10
C VAL A 81 -4.57 -27.28 13.67
N LEU A 82 -5.11 -26.09 13.44
CA LEU A 82 -5.14 -25.51 12.09
C LEU A 82 -3.75 -25.12 11.59
N GLY A 83 -3.09 -24.24 12.33
CA GLY A 83 -1.83 -23.68 11.89
C GLY A 83 -2.07 -22.80 10.67
N ASP A 84 -1.31 -23.06 9.60
CA ASP A 84 -1.48 -22.31 8.37
C ASP A 84 -1.95 -23.24 7.25
N SER A 85 -2.68 -24.29 7.63
CA SER A 85 -3.19 -25.24 6.65
C SER A 85 -4.46 -24.70 5.98
N GLU A 86 -5.07 -23.69 6.60
CA GLU A 86 -6.29 -23.10 6.08
C GLU A 86 -6.49 -21.67 6.58
N THR A 87 -7.47 -20.98 5.99
CA THR A 87 -7.81 -19.62 6.42
C THR A 87 -9.27 -19.32 6.11
N THR A 88 -9.82 -18.37 6.83
CA THR A 88 -11.13 -17.89 6.55
C THR A 88 -11.10 -16.39 6.48
N ARG A 89 -11.51 -15.90 5.34
CA ARG A 89 -11.69 -14.47 5.11
C ARG A 89 -13.10 -14.00 5.50
N VAL A 90 -13.21 -12.75 5.93
CA VAL A 90 -14.50 -12.18 6.32
C VAL A 90 -14.90 -10.99 5.47
N LYS A 91 -16.17 -10.91 5.12
CA LYS A 91 -16.69 -9.85 4.27
C LYS A 91 -17.99 -9.26 4.80
N ILE A 92 -17.95 -7.99 5.20
CA ILE A 92 -19.12 -7.30 5.71
C ILE A 92 -20.06 -6.90 4.58
N ASN A 93 -21.36 -7.15 4.77
CA ASN A 93 -22.37 -6.85 3.76
C ASN A 93 -23.43 -5.79 4.13
N SER A 94 -23.79 -5.71 5.41
CA SER A 94 -24.64 -4.65 5.90
C SER A 94 -24.64 -4.54 7.43
N VAL A 95 -24.99 -3.38 7.96
CA VAL A 95 -25.09 -3.19 9.40
C VAL A 95 -26.34 -2.41 9.79
N ILE A 96 -27.10 -2.96 10.72
CA ILE A 96 -28.30 -2.30 11.23
C ILE A 96 -28.16 -1.96 12.70
N LEU A 97 -28.19 -0.67 13.03
CA LEU A 97 -27.99 -0.22 14.39
C LEU A 97 -29.29 0.09 15.12
N ASP A 98 -29.35 -0.31 16.39
CA ASP A 98 -30.43 0.10 17.29
C ASP A 98 -29.80 0.78 18.49
N LYS A 99 -29.27 1.98 18.27
CA LYS A 99 -28.43 2.70 19.23
C LYS A 99 -28.99 2.76 20.65
N PRO A 100 -30.24 3.24 20.80
CA PRO A 100 -30.84 3.41 22.12
C PRO A 100 -30.87 2.14 22.95
N HIS A 101 -30.80 0.98 22.30
CA HIS A 101 -30.89 -0.30 23.00
C HIS A 101 -29.56 -1.05 22.98
N GLY A 102 -28.59 -0.50 22.26
CA GLY A 102 -27.29 -1.14 22.14
C GLY A 102 -27.35 -2.45 21.38
N VAL A 103 -28.36 -2.58 20.53
CA VAL A 103 -28.52 -3.77 19.70
C VAL A 103 -28.07 -3.49 18.27
N ALA A 104 -27.48 -4.49 17.63
CA ALA A 104 -27.00 -4.34 16.26
C ALA A 104 -27.07 -5.66 15.49
N THR A 105 -27.54 -5.58 14.25
CA THR A 105 -27.56 -6.75 13.38
C THR A 105 -26.52 -6.57 12.27
N ILE A 106 -25.75 -7.63 12.02
CA ILE A 106 -24.69 -7.56 11.02
C ILE A 106 -24.73 -8.75 10.07
N ARG A 107 -24.87 -8.46 8.78
CA ARG A 107 -24.83 -9.48 7.75
C ARG A 107 -23.48 -9.49 7.06
N PHE A 108 -22.82 -10.64 7.06
CA PHE A 108 -21.47 -10.75 6.50
C PHE A 108 -21.25 -12.09 5.81
N THR A 109 -20.21 -12.14 4.98
CA THR A 109 -19.85 -13.35 4.27
C THR A 109 -18.44 -13.80 4.66
N THR A 110 -18.25 -15.12 4.73
CA THR A 110 -16.95 -15.68 5.05
C THR A 110 -16.48 -16.63 3.96
N VAL A 111 -15.24 -16.45 3.53
CA VAL A 111 -14.66 -17.30 2.50
C VAL A 111 -13.50 -18.12 3.08
N ARG A 112 -13.74 -19.41 3.31
CA ARG A 112 -12.71 -20.29 3.81
C ARG A 112 -11.74 -20.68 2.70
N ARG A 113 -10.62 -21.27 3.09
CA ARG A 113 -9.69 -21.85 2.14
C ARG A 113 -8.91 -22.93 2.84
N VAL A 114 -8.43 -23.89 2.05
CA VAL A 114 -7.42 -24.84 2.51
C VAL A 114 -6.29 -24.88 1.48
N ARG A 115 -5.06 -24.89 1.97
CA ARG A 115 -3.89 -24.75 1.10
C ARG A 115 -3.62 -25.99 0.26
N SER A 116 -4.42 -27.04 0.47
CA SER A 116 -4.24 -28.29 -0.25
C SER A 116 -5.23 -28.44 -1.40
N ASN A 117 -6.27 -27.61 -1.41
CA ASN A 117 -7.25 -27.65 -2.48
C ASN A 117 -6.89 -26.70 -3.62
N PRO A 118 -7.49 -26.92 -4.80
CA PRO A 118 -7.27 -26.08 -5.98
C PRO A 118 -7.68 -24.63 -5.75
N VAL A 119 -8.96 -24.41 -5.44
CA VAL A 119 -9.47 -23.06 -5.23
C VAL A 119 -10.31 -23.01 -3.96
N ASP A 120 -10.81 -21.82 -3.62
CA ASP A 120 -11.62 -21.62 -2.43
C ASP A 120 -12.92 -22.43 -2.49
N ASP A 121 -13.55 -22.63 -1.35
CA ASP A 121 -14.84 -23.31 -1.30
C ASP A 121 -15.98 -22.29 -1.27
N GLN A 122 -17.20 -22.79 -1.39
CA GLN A 122 -18.37 -21.93 -1.51
C GLN A 122 -18.57 -21.04 -0.29
N PRO A 123 -18.76 -19.73 -0.52
CA PRO A 123 -18.91 -18.72 0.53
C PRO A 123 -20.14 -18.97 1.40
N GLN A 124 -20.11 -18.46 2.63
CA GLN A 124 -21.17 -18.71 3.59
C GLN A 124 -21.73 -17.42 4.17
N ARG A 125 -23.04 -17.24 4.05
CA ARG A 125 -23.71 -16.04 4.55
C ARG A 125 -24.18 -16.21 5.98
N TRP A 126 -23.88 -15.23 6.83
CA TRP A 126 -24.25 -15.30 8.25
C TRP A 126 -24.97 -14.04 8.71
N ILE A 127 -25.70 -14.15 9.82
CA ILE A 127 -26.34 -13.00 10.45
C ILE A 127 -25.91 -12.91 11.90
N ALA A 128 -25.35 -11.77 12.29
CA ALA A 128 -24.86 -11.58 13.65
C ALA A 128 -25.76 -10.63 14.44
N ILE A 129 -26.30 -11.13 15.54
CA ILE A 129 -27.11 -10.31 16.43
C ILE A 129 -26.29 -9.93 17.66
N MET A 130 -25.90 -8.67 17.74
CA MET A 130 -24.95 -8.24 18.76
C MET A 130 -25.54 -7.17 19.70
N GLY A 131 -25.15 -7.27 20.96
CA GLY A 131 -25.44 -6.21 21.93
C GLY A 131 -24.12 -5.58 22.32
N TYR A 132 -24.06 -4.26 22.32
CA TYR A 132 -22.81 -3.56 22.61
C TYR A 132 -22.99 -2.38 23.56
N GLU A 133 -21.87 -1.95 24.14
CA GLU A 133 -21.85 -0.82 25.06
C GLU A 133 -20.44 -0.28 25.21
N TYR A 134 -20.31 0.83 25.92
CA TYR A 134 -19.00 1.41 26.21
C TYR A 134 -18.80 1.58 27.71
N LYS A 135 -18.02 0.68 28.30
CA LYS A 135 -17.80 0.69 29.74
C LYS A 135 -16.53 1.44 30.11
N SER A 136 -16.63 2.27 31.16
CA SER A 136 -15.46 3.00 31.62
C SER A 136 -14.82 2.17 32.72
N LEU A 137 -13.59 1.74 32.45
CA LEU A 137 -12.82 0.95 33.40
C LEU A 137 -11.33 1.14 33.21
N ALA A 138 -10.55 0.72 34.20
CA ALA A 138 -9.10 0.87 34.18
C ALA A 138 -8.49 0.08 33.02
N MET A 139 -7.48 0.67 32.37
CA MET A 139 -6.79 0.03 31.26
C MET A 139 -5.32 0.40 31.24
N ASN A 140 -4.50 -0.61 30.92
CA ASN A 140 -3.05 -0.52 30.74
C ASN A 140 -2.60 -0.04 29.36
N ALA A 141 -1.31 0.27 29.23
CA ALA A 141 -0.77 0.84 27.99
C ALA A 141 -1.13 0.04 26.74
N GLU A 142 -0.88 -1.25 26.77
CA GLU A 142 -1.12 -2.10 25.60
C GLU A 142 -2.60 -2.20 25.25
N GLN A 143 -3.46 -1.78 26.18
CA GLN A 143 -4.89 -1.83 25.97
C GLN A 143 -5.40 -0.54 25.32
N ARG A 144 -4.66 0.55 25.49
CA ARG A 144 -5.06 1.84 24.92
C ARG A 144 -4.97 1.81 23.40
N TYR A 145 -4.21 0.84 22.89
CA TYR A 145 -4.03 0.69 21.46
C TYR A 145 -5.19 -0.10 20.86
N VAL A 146 -5.67 -1.09 21.60
CA VAL A 146 -6.75 -1.95 21.13
C VAL A 146 -8.11 -1.25 21.20
N ASN A 147 -8.45 -0.73 22.38
CA ASN A 147 -9.76 -0.12 22.59
C ASN A 147 -9.71 1.15 23.42
N PRO A 148 -9.90 2.31 22.76
CA PRO A 148 -9.91 3.62 23.43
C PRO A 148 -11.22 3.92 24.16
N LEU A 149 -12.34 3.76 23.48
CA LEU A 149 -13.65 4.10 24.04
C LEU A 149 -14.21 2.99 24.93
N GLY A 150 -13.46 1.92 25.10
CA GLY A 150 -13.88 0.83 25.96
C GLY A 150 -15.09 0.09 25.42
N PHE A 151 -15.15 -0.06 24.10
CA PHE A 151 -16.23 -0.78 23.45
C PHE A 151 -16.25 -2.24 23.89
N ARG A 152 -17.45 -2.75 24.18
CA ARG A 152 -17.59 -4.13 24.62
C ARG A 152 -18.87 -4.77 24.09
N VAL A 153 -18.76 -6.03 23.67
CA VAL A 153 -19.90 -6.81 23.25
C VAL A 153 -20.48 -7.59 24.42
N THR A 154 -21.75 -7.35 24.72
CA THR A 154 -22.41 -7.98 25.86
C THR A 154 -23.23 -9.19 25.47
N SER A 155 -23.53 -9.31 24.18
CA SER A 155 -24.29 -10.44 23.66
C SER A 155 -23.92 -10.70 22.21
N TYR A 156 -23.68 -11.96 21.87
CA TYR A 156 -23.32 -12.34 20.52
C TYR A 156 -23.79 -13.75 20.16
N ARG A 157 -24.47 -13.90 19.05
CA ARG A 157 -24.79 -15.21 18.49
C ARG A 157 -25.09 -15.09 17.01
N VAL A 158 -24.48 -15.98 16.22
CA VAL A 158 -24.64 -15.93 14.77
C VAL A 158 -25.49 -17.09 14.26
N ASN A 159 -26.30 -16.81 13.25
CA ASN A 159 -27.11 -17.84 12.61
C ASN A 159 -27.01 -17.75 11.10
N PRO A 160 -27.12 -18.89 10.40
CA PRO A 160 -27.03 -18.95 8.94
C PRO A 160 -28.05 -18.05 8.25
N GLU A 161 -27.74 -17.61 7.03
CA GLU A 161 -28.65 -16.78 6.26
C GLU A 161 -29.63 -17.64 5.46
N ARG B 20 19.51 -19.86 -6.33
CA ARG B 20 19.26 -20.45 -5.02
C ARG B 20 17.76 -20.55 -4.75
N ASP B 21 17.34 -21.68 -4.21
CA ASP B 21 15.92 -21.92 -3.95
C ASP B 21 15.43 -21.15 -2.73
N GLN B 22 14.59 -20.14 -2.95
CA GLN B 22 13.93 -19.40 -1.88
C GLN B 22 12.69 -18.74 -2.38
N THR B 23 11.74 -18.47 -1.50
CA THR B 23 10.48 -17.84 -1.88
C THR B 23 10.65 -16.36 -2.20
N SER B 24 11.39 -15.64 -1.36
CA SER B 24 11.51 -14.20 -1.50
C SER B 24 12.96 -13.71 -1.38
N TYR B 25 13.19 -12.50 -1.88
CA TYR B 25 14.49 -11.85 -1.79
C TYR B 25 14.39 -10.53 -1.03
N GLY B 26 13.18 -10.22 -0.57
CA GLY B 26 12.93 -8.98 0.13
C GLY B 26 11.96 -8.10 -0.63
N ASP B 27 11.57 -6.98 -0.02
CA ASP B 27 10.59 -6.07 -0.63
C ASP B 27 11.12 -5.39 -1.88
N GLU B 28 12.38 -4.98 -1.86
CA GLU B 28 12.96 -4.21 -2.96
C GLU B 28 13.19 -5.06 -4.20
N ILE B 29 13.68 -6.28 -4.00
CA ILE B 29 14.02 -7.15 -5.11
C ILE B 29 12.78 -7.83 -5.70
N ASP B 30 11.87 -8.24 -4.83
CA ASP B 30 10.63 -8.88 -5.27
C ASP B 30 9.81 -7.95 -6.16
N LYS B 31 9.65 -6.71 -5.73
CA LYS B 31 8.89 -5.72 -6.47
C LYS B 31 9.52 -5.42 -7.82
N PHE B 32 10.82 -5.60 -7.93
CA PHE B 32 11.47 -5.46 -9.22
C PHE B 32 11.20 -6.54 -10.25
N TRP B 33 11.38 -7.79 -9.89
CA TRP B 33 11.09 -8.90 -10.79
C TRP B 33 9.60 -9.01 -11.07
N LEU B 34 8.78 -8.78 -10.05
CA LEU B 34 7.33 -8.85 -10.21
C LEU B 34 6.81 -7.80 -11.16
N THR B 35 7.47 -6.63 -11.18
CA THR B 35 7.09 -5.57 -12.09
C THR B 35 7.67 -5.81 -13.49
N GLN B 36 8.90 -6.33 -13.54
CA GLN B 36 9.53 -6.63 -14.82
C GLN B 36 8.81 -7.76 -15.54
N TYR B 37 8.14 -8.61 -14.78
CA TYR B 37 7.35 -9.70 -15.35
C TYR B 37 6.06 -9.17 -15.95
N VAL B 38 5.38 -8.32 -15.20
CA VAL B 38 4.12 -7.73 -15.68
C VAL B 38 4.39 -6.77 -16.84
N ILE B 39 5.60 -6.23 -16.88
CA ILE B 39 6.00 -5.35 -17.98
C ILE B 39 6.21 -6.13 -19.27
N HIS B 40 6.75 -7.33 -19.17
CA HIS B 40 7.04 -8.14 -20.35
C HIS B 40 5.83 -8.92 -20.85
N ARG B 41 4.86 -9.14 -19.97
CA ARG B 41 3.71 -9.96 -20.31
C ARG B 41 2.52 -9.14 -20.80
N GLU B 42 2.30 -7.98 -20.20
CA GLU B 42 1.14 -7.15 -20.54
C GLU B 42 1.48 -6.09 -21.58
N SER B 43 2.75 -5.94 -21.91
CA SER B 43 3.16 -4.96 -22.92
C SER B 43 3.28 -5.61 -24.29
N TYR B 44 3.13 -4.79 -25.34
CA TYR B 44 3.26 -5.28 -26.70
C TYR B 44 4.09 -4.32 -27.55
N ASP B 45 5.33 -4.72 -27.82
CA ASP B 45 6.20 -3.98 -28.73
C ASP B 45 6.86 -4.96 -29.69
N PHE B 46 6.66 -4.72 -30.99
CA PHE B 46 7.16 -5.64 -32.01
C PHE B 46 8.69 -5.65 -32.09
N TYR B 47 9.32 -4.77 -31.31
CA TYR B 47 10.78 -4.66 -31.33
C TYR B 47 11.39 -5.29 -30.07
N SER B 48 10.55 -5.71 -29.16
CA SER B 48 11.00 -6.49 -28.02
C SER B 48 10.22 -7.77 -27.84
N VAL B 49 9.14 -7.91 -28.60
CA VAL B 49 8.18 -9.00 -28.45
C VAL B 49 8.89 -10.34 -28.31
N GLN B 50 9.98 -10.51 -29.06
CA GLN B 50 10.79 -11.72 -28.94
C GLN B 50 11.59 -11.68 -27.65
N VAL B 51 11.89 -10.47 -27.18
CA VAL B 51 12.58 -10.29 -25.92
C VAL B 51 11.63 -10.50 -24.76
N ASP B 52 10.42 -9.99 -24.90
CA ASP B 52 9.38 -10.14 -23.89
C ASP B 52 8.92 -11.59 -23.81
N TYR B 53 8.56 -12.16 -24.96
CA TYR B 53 8.10 -13.54 -25.04
C TYR B 53 9.13 -14.49 -24.43
N THR B 54 10.40 -14.24 -24.71
CA THR B 54 11.49 -15.05 -24.16
C THR B 54 11.60 -14.85 -22.67
N ALA B 55 11.45 -13.61 -22.23
CA ALA B 55 11.58 -13.24 -20.83
C ALA B 55 10.48 -13.89 -19.98
N VAL B 56 9.26 -13.83 -20.47
CA VAL B 56 8.12 -14.40 -19.75
C VAL B 56 8.30 -15.90 -19.54
N GLY B 57 8.94 -16.54 -20.52
CA GLY B 57 9.20 -17.97 -20.45
C GLY B 57 10.27 -18.33 -19.42
N LEU B 58 11.33 -17.53 -19.39
CA LEU B 58 12.43 -17.76 -18.45
C LEU B 58 12.02 -17.47 -17.02
N MET B 59 10.94 -16.71 -16.86
CA MET B 59 10.48 -16.30 -15.53
C MET B 59 9.11 -16.88 -15.21
N SER B 60 8.83 -18.07 -15.73
CA SER B 60 7.55 -18.73 -15.50
C SER B 60 7.71 -20.23 -15.32
N THR B 61 6.75 -20.82 -14.61
CA THR B 61 6.70 -22.28 -14.52
C THR B 61 6.18 -22.81 -15.85
N PRO B 62 6.37 -24.11 -16.11
CA PRO B 62 5.92 -24.73 -17.37
C PRO B 62 4.43 -24.53 -17.64
N ASN B 63 3.62 -24.69 -16.60
CA ASN B 63 2.18 -24.51 -16.71
C ASN B 63 1.80 -23.08 -17.08
N VAL B 64 2.26 -22.13 -16.27
CA VAL B 64 1.97 -20.72 -16.49
C VAL B 64 2.53 -20.25 -17.83
N ALA B 65 3.63 -20.86 -18.26
CA ALA B 65 4.30 -20.45 -19.49
C ALA B 65 3.48 -20.79 -20.72
N GLU B 66 3.03 -22.05 -20.81
CA GLU B 66 2.27 -22.50 -21.97
C GLU B 66 0.94 -21.78 -22.10
N SER B 67 0.37 -21.40 -20.97
CA SER B 67 -0.89 -20.67 -20.97
C SER B 67 -0.73 -19.30 -21.62
N TYR B 68 0.47 -18.74 -21.49
CA TYR B 68 0.78 -17.44 -22.07
C TYR B 68 1.19 -17.57 -23.53
N GLN B 69 1.85 -18.68 -23.86
CA GLN B 69 2.34 -18.91 -25.21
C GLN B 69 1.23 -19.30 -26.19
N SER B 70 0.06 -19.65 -25.64
CA SER B 70 -1.08 -20.07 -26.46
C SER B 70 -1.54 -18.98 -27.43
N LYS B 71 -1.28 -17.72 -27.06
CA LYS B 71 -1.71 -16.59 -27.87
C LYS B 71 -0.75 -16.31 -29.02
N PHE B 72 0.42 -16.93 -28.97
CA PHE B 72 1.46 -16.70 -29.97
C PHE B 72 1.66 -17.92 -30.86
N LYS B 73 0.66 -18.80 -30.90
CA LYS B 73 0.74 -20.02 -31.68
C LYS B 73 -0.36 -20.08 -32.74
N GLY B 74 0.02 -20.39 -33.98
CA GLY B 74 -0.94 -20.51 -35.06
C GLY B 74 -0.86 -19.35 -36.03
N ARG B 75 -1.66 -19.43 -37.10
CA ARG B 75 -1.73 -18.37 -38.09
C ARG B 75 -2.25 -17.08 -37.47
N ASN B 76 -3.04 -17.24 -36.44
CA ASN B 76 -3.70 -16.16 -35.77
C ASN B 76 -2.95 -15.79 -34.50
N GLY B 77 -1.67 -16.07 -34.52
CA GLY B 77 -0.81 -15.71 -33.40
C GLY B 77 -0.76 -14.21 -33.27
N LEU B 78 -0.66 -13.73 -32.04
CA LEU B 78 -0.71 -12.28 -31.76
C LEU B 78 0.33 -11.51 -32.56
N ASP B 79 1.55 -12.05 -32.61
CA ASP B 79 2.63 -11.40 -33.34
C ASP B 79 2.42 -11.51 -34.85
N LYS B 80 1.61 -12.47 -35.27
CA LYS B 80 1.35 -12.71 -36.69
C LYS B 80 0.11 -11.99 -37.19
N VAL B 81 -0.64 -11.39 -36.25
CA VAL B 81 -1.84 -10.63 -36.58
C VAL B 81 -1.66 -9.11 -36.53
N LEU B 82 -1.01 -8.62 -35.49
CA LEU B 82 -0.80 -7.19 -35.28
C LEU B 82 0.47 -6.71 -35.97
N GLY B 83 1.59 -7.36 -35.68
CA GLY B 83 2.87 -6.96 -36.23
C GLY B 83 3.38 -5.69 -35.57
N ASP B 84 3.74 -4.71 -36.39
CA ASP B 84 4.19 -3.42 -35.88
C ASP B 84 3.08 -2.39 -36.05
N SER B 85 1.87 -2.88 -36.26
CA SER B 85 0.69 -2.03 -36.45
C SER B 85 0.41 -1.17 -35.23
N GLU B 86 0.37 -1.83 -34.07
CA GLU B 86 -0.01 -1.24 -32.78
C GLU B 86 0.85 -1.76 -31.62
N THR B 87 0.86 -1.02 -30.51
CA THR B 87 1.73 -1.30 -29.38
C THR B 87 0.97 -1.35 -28.06
N THR B 88 1.68 -1.71 -27.00
CA THR B 88 1.12 -1.69 -25.65
C THR B 88 2.22 -1.48 -24.62
N ARG B 89 1.98 -0.55 -23.70
CA ARG B 89 2.96 -0.25 -22.66
C ARG B 89 2.29 -0.32 -21.29
N VAL B 90 3.07 -0.61 -20.25
CA VAL B 90 2.53 -0.79 -18.92
C VAL B 90 3.21 0.11 -17.89
N LYS B 91 2.40 0.66 -16.99
CA LYS B 91 2.93 1.44 -15.87
C LYS B 91 2.31 0.97 -14.57
N ILE B 92 3.15 0.55 -13.63
CA ILE B 92 2.66 0.00 -12.37
C ILE B 92 2.17 1.10 -11.43
N ASN B 93 1.05 0.83 -10.75
CA ASN B 93 0.47 1.77 -9.79
C ASN B 93 0.79 1.47 -8.31
N SER B 94 0.66 0.22 -7.91
CA SER B 94 0.97 -0.20 -6.54
C SER B 94 1.39 -1.68 -6.50
N VAL B 95 2.05 -2.06 -5.41
CA VAL B 95 2.52 -3.43 -5.24
C VAL B 95 2.48 -3.86 -3.77
N ILE B 96 1.64 -4.83 -3.46
CA ILE B 96 1.53 -5.36 -2.11
C ILE B 96 2.06 -6.79 -2.04
N LEU B 97 2.89 -7.06 -1.04
CA LEU B 97 3.59 -8.34 -0.97
C LEU B 97 3.16 -9.22 0.20
N ASP B 98 3.12 -10.53 -0.06
CA ASP B 98 2.97 -11.54 0.98
C ASP B 98 4.15 -12.49 0.86
N LYS B 99 5.31 -12.01 1.29
CA LYS B 99 6.58 -12.73 1.11
C LYS B 99 6.58 -14.18 1.58
N PRO B 100 6.17 -14.42 2.84
CA PRO B 100 6.15 -15.77 3.41
C PRO B 100 5.34 -16.77 2.59
N HIS B 101 4.34 -16.29 1.87
CA HIS B 101 3.48 -17.16 1.07
C HIS B 101 3.91 -17.19 -0.40
N GLY B 102 4.63 -16.15 -0.82
CA GLY B 102 5.00 -16.02 -2.22
C GLY B 102 3.83 -15.54 -3.04
N VAL B 103 3.04 -14.63 -2.48
CA VAL B 103 1.87 -14.09 -3.14
C VAL B 103 1.99 -12.58 -3.29
N ALA B 104 1.46 -12.04 -4.39
CA ALA B 104 1.56 -10.60 -4.65
C ALA B 104 0.34 -10.06 -5.38
N THR B 105 -0.06 -8.84 -5.00
CA THR B 105 -1.16 -8.14 -5.66
C THR B 105 -0.63 -6.86 -6.30
N ILE B 106 -0.67 -6.80 -7.63
CA ILE B 106 -0.13 -5.66 -8.36
C ILE B 106 -1.19 -4.97 -9.21
N ARG B 107 -1.15 -3.63 -9.19
CA ARG B 107 -2.07 -2.84 -9.98
C ARG B 107 -1.29 -1.99 -10.99
N PHE B 108 -1.72 -2.03 -12.24
CA PHE B 108 -0.96 -1.40 -13.32
C PHE B 108 -1.87 -0.75 -14.36
N THR B 109 -1.26 -0.01 -15.28
CA THR B 109 -2.00 0.68 -16.33
C THR B 109 -1.48 0.39 -17.73
N THR B 110 -2.38 0.01 -18.63
CA THR B 110 -2.01 -0.25 -20.01
C THR B 110 -2.53 0.85 -20.81
N VAL B 111 -1.69 1.49 -21.62
CA VAL B 111 -2.12 2.69 -22.32
C VAL B 111 -1.97 2.85 -23.85
N ARG B 112 -1.44 1.88 -24.59
CA ARG B 112 -0.99 2.30 -25.92
C ARG B 112 -1.88 2.17 -27.17
N ARG B 113 -1.60 3.01 -28.18
CA ARG B 113 -2.49 3.23 -29.29
C ARG B 113 -2.02 2.48 -30.53
N VAL B 114 -2.87 2.44 -31.55
CA VAL B 114 -2.49 1.93 -32.86
C VAL B 114 -1.81 3.06 -33.64
N ARG B 115 -0.84 2.70 -34.47
CA ARG B 115 -0.08 3.71 -35.21
C ARG B 115 -0.90 4.35 -36.32
N SER B 116 -2.09 3.80 -36.58
CA SER B 116 -2.96 4.33 -37.63
C SER B 116 -3.56 5.66 -37.21
N ASN B 117 -4.10 5.71 -35.99
CA ASN B 117 -4.70 6.94 -35.48
C ASN B 117 -3.65 7.99 -35.12
N PRO B 118 -4.10 9.19 -34.78
CA PRO B 118 -3.19 10.27 -34.35
C PRO B 118 -3.16 10.43 -32.82
N VAL B 119 -4.11 9.83 -32.13
CA VAL B 119 -4.20 9.98 -30.68
C VAL B 119 -4.09 8.64 -29.94
N ASP B 120 -3.65 8.69 -28.70
CA ASP B 120 -3.52 7.49 -27.87
C ASP B 120 -4.91 6.95 -27.49
N ASP B 121 -4.94 5.68 -27.11
CA ASP B 121 -6.16 5.08 -26.58
C ASP B 121 -6.31 5.45 -25.12
N GLN B 122 -7.55 5.45 -24.63
CA GLN B 122 -7.80 5.75 -23.22
C GLN B 122 -7.15 4.70 -22.32
N PRO B 123 -6.32 5.15 -21.38
CA PRO B 123 -5.59 4.28 -20.44
C PRO B 123 -6.51 3.32 -19.70
N GLN B 124 -6.01 2.11 -19.44
CA GLN B 124 -6.80 1.10 -18.76
C GLN B 124 -5.98 0.40 -17.68
N ARG B 125 -6.51 0.36 -16.47
CA ARG B 125 -5.80 -0.21 -15.33
C ARG B 125 -6.33 -1.60 -14.98
N TRP B 126 -5.50 -2.38 -14.28
CA TRP B 126 -5.86 -3.77 -13.96
C TRP B 126 -5.43 -4.17 -12.55
N ILE B 127 -5.83 -5.37 -12.14
CA ILE B 127 -5.45 -5.94 -10.85
C ILE B 127 -4.97 -7.36 -11.01
N ALA B 128 -3.68 -7.60 -10.77
CA ALA B 128 -3.09 -8.92 -10.99
C ALA B 128 -2.79 -9.65 -9.69
N ILE B 129 -3.27 -10.88 -9.59
CA ILE B 129 -2.97 -11.74 -8.43
C ILE B 129 -1.91 -12.76 -8.82
N MET B 130 -0.71 -12.60 -8.25
CA MET B 130 0.43 -13.41 -8.67
C MET B 130 0.99 -14.26 -7.54
N GLY B 131 1.62 -15.37 -7.93
CA GLY B 131 2.34 -16.23 -7.01
C GLY B 131 3.73 -16.48 -7.56
N TYR B 132 4.76 -16.29 -6.73
CA TYR B 132 6.13 -16.37 -7.23
C TYR B 132 7.07 -17.13 -6.30
N GLU B 133 8.27 -17.38 -6.80
CA GLU B 133 9.31 -18.14 -6.10
C GLU B 133 10.66 -17.95 -6.78
N TYR B 134 11.75 -18.36 -6.12
CA TYR B 134 13.06 -18.38 -6.77
C TYR B 134 13.63 -19.79 -6.77
N LYS B 135 13.97 -20.29 -7.95
CA LYS B 135 14.49 -21.65 -8.09
C LYS B 135 15.90 -21.66 -8.69
N SER B 136 16.80 -22.40 -8.05
CA SER B 136 18.15 -22.58 -8.57
C SER B 136 18.16 -23.64 -9.65
N LEU B 137 18.28 -23.22 -10.90
CA LEU B 137 18.25 -24.12 -12.04
C LEU B 137 19.45 -23.92 -12.96
N ALA B 138 19.58 -24.78 -13.95
CA ALA B 138 20.64 -24.65 -14.95
C ALA B 138 20.31 -23.49 -15.89
N MET B 139 21.35 -22.80 -16.35
CA MET B 139 21.15 -21.62 -17.19
C MET B 139 22.45 -21.21 -17.87
N ASN B 140 22.32 -20.57 -19.03
CA ASN B 140 23.47 -20.12 -19.79
C ASN B 140 23.57 -18.60 -19.86
N ALA B 141 24.66 -18.10 -20.43
CA ALA B 141 24.91 -16.66 -20.51
C ALA B 141 23.79 -15.92 -21.24
N GLU B 142 23.14 -16.61 -22.17
CA GLU B 142 22.03 -16.03 -22.91
C GLU B 142 20.79 -15.92 -22.02
N GLN B 143 20.59 -16.94 -21.18
CA GLN B 143 19.45 -16.97 -20.28
C GLN B 143 19.78 -16.27 -18.96
N ARG B 144 20.99 -16.50 -18.46
CA ARG B 144 21.43 -15.90 -17.20
C ARG B 144 21.55 -14.39 -17.32
N TYR B 145 21.57 -13.91 -18.56
CA TYR B 145 21.65 -12.48 -18.84
C TYR B 145 20.31 -11.80 -18.53
N VAL B 146 19.23 -12.58 -18.54
CA VAL B 146 17.89 -12.05 -18.30
C VAL B 146 17.32 -12.32 -16.90
N ASN B 147 17.46 -13.55 -16.43
CA ASN B 147 16.94 -13.94 -15.12
C ASN B 147 18.00 -14.61 -14.25
N PRO B 148 18.91 -13.80 -13.70
CA PRO B 148 20.07 -14.25 -12.91
C PRO B 148 19.71 -14.91 -11.58
N LEU B 149 18.55 -14.59 -11.03
CA LEU B 149 18.18 -15.09 -9.70
C LEU B 149 17.28 -16.31 -9.75
N GLY B 150 16.99 -16.80 -10.95
CA GLY B 150 16.12 -17.94 -11.11
C GLY B 150 14.69 -17.63 -10.68
N PHE B 151 14.27 -16.39 -10.91
CA PHE B 151 12.94 -15.94 -10.54
C PHE B 151 11.89 -16.42 -11.54
N ARG B 152 10.72 -16.81 -11.03
CA ARG B 152 9.65 -17.27 -11.90
C ARG B 152 8.28 -17.14 -11.23
N VAL B 153 7.24 -17.06 -12.06
CA VAL B 153 5.87 -16.95 -11.57
C VAL B 153 5.20 -18.31 -11.57
N THR B 154 4.58 -18.67 -10.44
CA THR B 154 3.93 -19.96 -10.30
C THR B 154 2.43 -19.86 -10.57
N SER B 155 1.88 -18.66 -10.44
CA SER B 155 0.45 -18.44 -10.66
C SER B 155 0.18 -17.03 -11.17
N TYR B 156 -0.81 -16.88 -12.05
CA TYR B 156 -1.08 -15.59 -12.65
C TYR B 156 -2.55 -15.43 -13.06
N ARG B 157 -3.22 -14.44 -12.48
CA ARG B 157 -4.60 -14.13 -12.83
C ARG B 157 -4.85 -12.63 -12.80
N VAL B 158 -5.27 -12.08 -13.94
CA VAL B 158 -5.50 -10.65 -14.07
C VAL B 158 -6.98 -10.32 -14.25
N ASN B 159 -7.44 -9.29 -13.56
CA ASN B 159 -8.82 -8.86 -13.66
C ASN B 159 -8.94 -7.34 -13.75
N PRO B 160 -10.15 -6.84 -14.05
CA PRO B 160 -10.38 -5.39 -14.14
C PRO B 160 -10.77 -4.78 -12.79
N GLU B 161 -10.19 -3.63 -12.48
CA GLU B 161 -10.45 -2.98 -11.21
C GLU B 161 -11.78 -2.21 -11.24
N THR C 23 31.90 -9.91 -15.63
CA THR C 23 30.53 -10.38 -15.49
C THR C 23 29.52 -9.24 -15.64
N SER C 24 28.55 -9.43 -16.53
CA SER C 24 27.48 -8.45 -16.73
C SER C 24 26.12 -9.13 -16.62
N TYR C 25 25.10 -8.37 -16.26
CA TYR C 25 23.79 -8.95 -15.98
C TYR C 25 22.63 -8.32 -16.76
N GLY C 26 22.94 -7.42 -17.70
CA GLY C 26 21.92 -6.84 -18.54
C GLY C 26 21.49 -5.44 -18.13
N ASP C 27 20.88 -4.72 -19.07
CA ASP C 27 20.50 -3.33 -18.87
C ASP C 27 19.45 -3.12 -17.78
N GLU C 28 18.32 -3.81 -17.91
CA GLU C 28 17.22 -3.66 -16.96
C GLU C 28 17.64 -3.97 -15.52
N ILE C 29 18.62 -4.86 -15.38
CA ILE C 29 19.13 -5.21 -14.06
C ILE C 29 20.11 -4.15 -13.56
N ASP C 30 20.88 -3.58 -14.47
CA ASP C 30 21.83 -2.52 -14.11
C ASP C 30 21.11 -1.24 -13.72
N LYS C 31 20.02 -0.95 -14.43
CA LYS C 31 19.25 0.27 -14.19
C LYS C 31 18.46 0.19 -12.88
N PHE C 32 18.60 -0.94 -12.19
CA PHE C 32 17.96 -1.15 -10.89
C PHE C 32 18.92 -0.97 -9.71
N TRP C 33 20.11 -1.56 -9.82
CA TRP C 33 21.14 -1.45 -8.79
C TRP C 33 21.78 -0.07 -8.78
N LEU C 34 21.72 0.61 -9.91
CA LEU C 34 22.30 1.94 -10.04
C LEU C 34 21.38 3.02 -9.47
N THR C 35 20.09 2.87 -9.71
CA THR C 35 19.10 3.84 -9.23
C THR C 35 18.87 3.69 -7.73
N GLN C 36 18.83 2.45 -7.25
CA GLN C 36 18.65 2.19 -5.83
C GLN C 36 19.84 2.71 -5.03
N TYR C 37 21.00 2.77 -5.68
CA TYR C 37 22.20 3.30 -5.05
C TYR C 37 22.09 4.82 -4.92
N VAL C 38 21.54 5.46 -5.94
CA VAL C 38 21.35 6.90 -5.94
C VAL C 38 20.25 7.30 -4.96
N ILE C 39 19.36 6.36 -4.67
CA ILE C 39 18.27 6.59 -3.74
C ILE C 39 18.71 6.40 -2.29
N HIS C 40 19.70 5.55 -2.08
CA HIS C 40 20.19 5.26 -0.74
C HIS C 40 21.30 6.21 -0.31
N ARG C 41 21.94 6.86 -1.28
CA ARG C 41 23.06 7.74 -0.98
C ARG C 41 22.70 9.21 -1.10
N GLU C 42 21.69 9.53 -1.91
CA GLU C 42 21.31 10.91 -2.16
C GLU C 42 19.97 11.26 -1.54
N SER C 43 19.53 10.44 -0.59
CA SER C 43 18.27 10.69 0.12
C SER C 43 18.50 10.74 1.62
N TYR C 44 17.68 11.49 2.32
CA TYR C 44 17.75 11.51 3.78
C TYR C 44 16.43 11.29 4.46
N ASP C 45 16.41 10.36 5.40
CA ASP C 45 15.31 10.17 6.31
C ASP C 45 15.82 9.59 7.60
N PHE C 46 15.32 10.08 8.72
CA PHE C 46 15.81 9.67 10.03
C PHE C 46 15.48 8.21 10.35
N TYR C 47 14.33 7.74 9.87
CA TYR C 47 13.91 6.37 10.12
C TYR C 47 14.34 5.43 9.00
N SER C 48 15.08 5.98 8.04
CA SER C 48 15.61 5.21 6.92
C SER C 48 17.13 5.33 6.71
N VAL C 49 17.77 6.24 7.45
CA VAL C 49 19.18 6.54 7.27
C VAL C 49 20.07 5.33 7.58
N GLN C 50 19.70 4.58 8.61
CA GLN C 50 20.49 3.42 9.04
C GLN C 50 20.52 2.35 7.96
N VAL C 51 19.40 2.17 7.26
CA VAL C 51 19.29 1.18 6.21
C VAL C 51 20.09 1.61 4.98
N ASP C 52 19.92 2.87 4.57
CA ASP C 52 20.59 3.41 3.40
C ASP C 52 22.10 3.42 3.60
N TYR C 53 22.53 3.67 4.83
CA TYR C 53 23.94 3.72 5.17
C TYR C 53 24.59 2.35 4.99
N THR C 54 23.82 1.30 5.25
CA THR C 54 24.32 -0.07 5.12
C THR C 54 24.45 -0.47 3.66
N ALA C 55 23.52 -0.01 2.84
CA ALA C 55 23.50 -0.36 1.42
C ALA C 55 24.64 0.29 0.64
N VAL C 56 24.93 1.53 0.97
CA VAL C 56 25.97 2.28 0.26
C VAL C 56 27.35 1.65 0.45
N GLY C 57 27.58 1.10 1.64
CA GLY C 57 28.85 0.45 1.93
C GLY C 57 28.98 -0.88 1.22
N LEU C 58 27.85 -1.42 0.79
CA LEU C 58 27.82 -2.71 0.10
C LEU C 58 27.98 -2.52 -1.41
N MET C 59 27.67 -1.32 -1.89
CA MET C 59 27.72 -1.04 -3.32
C MET C 59 28.78 0.00 -3.66
N SER C 60 29.87 0.01 -2.89
CA SER C 60 30.93 0.99 -3.09
C SER C 60 32.31 0.44 -2.76
N THR C 61 33.33 1.11 -3.30
CA THR C 61 34.71 0.80 -2.96
C THR C 61 35.14 1.66 -1.79
N PRO C 62 36.28 1.32 -1.15
CA PRO C 62 36.77 2.07 0.00
C PRO C 62 37.00 3.55 -0.32
N ASN C 63 37.51 3.82 -1.51
CA ASN C 63 37.73 5.19 -1.97
C ASN C 63 36.42 5.94 -2.13
N VAL C 64 35.40 5.23 -2.61
CA VAL C 64 34.09 5.83 -2.85
C VAL C 64 33.22 5.75 -1.60
N ALA C 65 33.57 4.86 -0.69
CA ALA C 65 32.78 4.63 0.51
C ALA C 65 32.95 5.76 1.54
N GLU C 66 34.21 6.06 1.86
CA GLU C 66 34.51 7.06 2.88
C GLU C 66 34.04 8.46 2.48
N SER C 67 33.86 8.68 1.18
CA SER C 67 33.37 9.95 0.68
C SER C 67 31.93 10.19 1.15
N TYR C 68 31.22 9.10 1.43
CA TYR C 68 29.85 9.17 1.91
C TYR C 68 29.78 8.90 3.41
N GLN C 69 30.73 8.10 3.89
CA GLN C 69 30.80 7.75 5.30
C GLN C 69 31.48 8.84 6.13
N SER C 70 31.63 10.02 5.53
CA SER C 70 32.29 11.13 6.19
C SER C 70 31.28 12.13 6.76
N LYS C 71 30.13 12.23 6.10
CA LYS C 71 29.10 13.19 6.49
C LYS C 71 28.42 12.80 7.80
N PHE C 72 28.52 11.52 8.16
CA PHE C 72 27.84 11.01 9.34
C PHE C 72 28.78 10.88 10.54
N LYS C 73 30.08 10.83 10.27
CA LYS C 73 31.06 10.67 11.33
C LYS C 73 31.31 11.97 12.08
N GLY C 74 31.26 11.89 13.41
CA GLY C 74 31.53 13.04 14.25
C GLY C 74 30.37 13.42 15.16
N ARG C 75 30.61 14.36 16.06
CA ARG C 75 29.59 14.85 16.98
C ARG C 75 28.42 15.46 16.23
N ASN C 76 28.72 16.49 15.44
CA ASN C 76 27.71 17.12 14.60
C ASN C 76 27.60 16.40 13.27
N GLY C 77 27.08 15.18 13.32
CA GLY C 77 26.79 14.43 12.11
C GLY C 77 25.52 14.93 11.44
N LEU C 78 25.30 14.50 10.19
CA LEU C 78 24.15 14.95 9.43
C LEU C 78 22.84 14.45 10.05
N ASP C 79 22.84 13.22 10.53
CA ASP C 79 21.67 12.63 11.16
C ASP C 79 21.52 13.12 12.59
N LYS C 80 22.61 13.63 13.12
CA LYS C 80 22.63 14.20 14.46
C LYS C 80 22.24 15.65 14.47
N VAL C 81 22.67 16.39 13.46
CA VAL C 81 22.19 17.77 13.34
C VAL C 81 20.94 17.80 12.46
N LEU C 82 19.82 18.19 13.06
CA LEU C 82 18.55 18.31 12.35
C LEU C 82 18.10 17.03 11.65
N GLY C 83 18.35 15.88 12.27
CA GLY C 83 18.00 14.60 11.68
C GLY C 83 16.53 14.34 11.46
N ASP C 84 15.70 14.68 12.45
CA ASP C 84 14.26 14.46 12.38
C ASP C 84 13.51 15.69 11.90
N SER C 85 14.26 16.75 11.63
CA SER C 85 13.72 18.05 11.31
C SER C 85 13.22 18.14 9.88
N GLU C 86 14.00 17.58 8.97
CA GLU C 86 13.72 17.65 7.54
C GLU C 86 13.79 16.28 6.87
N THR C 87 13.37 16.23 5.62
CA THR C 87 13.39 14.98 4.85
C THR C 87 13.95 15.22 3.44
N THR C 88 14.36 14.13 2.79
CA THR C 88 14.90 14.22 1.44
C THR C 88 14.50 13.03 0.59
N ARG C 89 13.60 13.27 -0.36
CA ARG C 89 13.16 12.22 -1.28
C ARG C 89 13.85 12.37 -2.63
N VAL C 90 14.13 11.25 -3.27
CA VAL C 90 14.84 11.23 -4.55
C VAL C 90 13.92 10.80 -5.69
N LYS C 91 14.32 11.11 -6.90
CA LYS C 91 13.68 10.60 -8.10
C LYS C 91 14.65 10.40 -9.24
N ILE C 92 14.51 9.28 -9.93
CA ILE C 92 15.31 9.04 -11.13
C ILE C 92 14.56 9.53 -12.37
N ASN C 93 15.31 10.14 -13.30
CA ASN C 93 14.75 10.65 -14.54
C ASN C 93 15.36 10.15 -15.84
N SER C 94 16.53 9.54 -15.77
CA SER C 94 17.08 8.87 -16.92
C SER C 94 18.18 7.90 -16.51
N VAL C 95 18.37 6.86 -17.32
CA VAL C 95 19.46 5.89 -17.14
C VAL C 95 20.23 5.53 -18.42
N ILE C 96 21.09 6.41 -18.92
CA ILE C 96 21.84 6.12 -20.13
C ILE C 96 23.15 5.41 -19.78
N LEU C 97 23.47 4.37 -20.54
CA LEU C 97 24.62 3.54 -20.21
C LEU C 97 25.73 3.57 -21.26
N ASP C 98 26.96 3.79 -20.80
CA ASP C 98 28.14 3.50 -21.60
C ASP C 98 28.41 2.02 -21.40
N LYS C 99 27.46 1.20 -21.84
CA LYS C 99 27.38 -0.23 -21.50
C LYS C 99 28.70 -0.99 -21.56
N PRO C 100 29.43 -0.89 -22.69
CA PRO C 100 30.70 -1.61 -22.83
C PRO C 100 31.74 -1.20 -21.81
N HIS C 101 31.99 0.10 -21.69
CA HIS C 101 33.05 0.61 -20.82
C HIS C 101 32.73 0.42 -19.34
N GLY C 102 31.48 0.11 -19.04
CA GLY C 102 31.05 -0.05 -17.66
C GLY C 102 30.81 1.28 -16.99
N VAL C 103 30.29 2.23 -17.77
CA VAL C 103 30.00 3.56 -17.26
C VAL C 103 28.52 3.92 -17.45
N ALA C 104 27.89 4.42 -16.39
CA ALA C 104 26.48 4.76 -16.44
C ALA C 104 26.28 6.26 -16.19
N THR C 105 25.11 6.77 -16.59
CA THR C 105 24.80 8.17 -16.41
C THR C 105 23.39 8.34 -15.85
N ILE C 106 23.30 8.71 -14.57
CA ILE C 106 22.01 8.89 -13.90
C ILE C 106 21.70 10.37 -13.69
N ARG C 107 20.48 10.76 -14.03
CA ARG C 107 20.03 12.13 -13.84
C ARG C 107 18.79 12.15 -12.96
N PHE C 108 18.96 12.55 -11.70
CA PHE C 108 17.87 12.51 -10.73
C PHE C 108 17.55 13.89 -10.15
N THR C 109 16.41 13.97 -9.45
CA THR C 109 15.97 15.22 -8.85
C THR C 109 15.49 14.99 -7.41
N THR C 110 16.05 15.74 -6.48
CA THR C 110 15.69 15.61 -5.07
C THR C 110 14.73 16.70 -4.63
N VAL C 111 14.16 16.53 -3.44
CA VAL C 111 13.25 17.52 -2.87
C VAL C 111 13.44 17.64 -1.37
N ARG C 112 14.05 18.74 -0.93
CA ARG C 112 14.27 18.99 0.49
C ARG C 112 12.98 19.48 1.15
N ARG C 113 12.57 18.78 2.20
CA ARG C 113 11.44 19.18 3.00
C ARG C 113 11.71 19.16 4.49
N VAL C 114 11.55 20.30 5.12
CA VAL C 114 11.61 20.38 6.58
C VAL C 114 10.21 20.35 7.16
N ARG C 115 9.95 19.42 8.07
CA ARG C 115 8.63 19.20 8.63
C ARG C 115 8.09 20.45 9.34
N SER C 116 8.99 21.22 9.94
CA SER C 116 8.58 22.44 10.63
C SER C 116 8.02 23.47 9.64
N ASN C 117 8.40 23.31 8.38
CA ASN C 117 7.90 24.17 7.32
C ASN C 117 6.47 23.80 6.93
N PRO C 118 5.60 24.81 6.76
CA PRO C 118 4.19 24.59 6.43
C PRO C 118 4.00 24.02 5.03
N VAL C 119 4.58 24.66 4.02
CA VAL C 119 4.44 24.21 2.64
C VAL C 119 5.80 23.88 2.03
N ASP C 120 5.77 23.18 0.92
CA ASP C 120 6.92 22.56 0.29
C ASP C 120 8.00 23.52 -0.16
N ASP C 121 9.20 22.98 -0.36
CA ASP C 121 10.37 23.71 -0.85
C ASP C 121 10.81 23.19 -2.22
N GLN C 122 11.41 24.07 -3.01
CA GLN C 122 11.62 23.83 -4.44
C GLN C 122 12.76 22.84 -4.69
N PRO C 123 12.55 21.91 -5.63
CA PRO C 123 13.49 20.83 -5.97
C PRO C 123 14.78 21.31 -6.61
N GLN C 124 15.78 20.43 -6.64
CA GLN C 124 17.06 20.71 -7.31
C GLN C 124 17.48 19.49 -8.13
N ARG C 125 18.34 19.71 -9.12
CA ARG C 125 18.69 18.65 -10.06
C ARG C 125 20.21 18.46 -10.17
N TRP C 126 20.61 17.24 -10.54
CA TRP C 126 22.03 16.91 -10.65
C TRP C 126 22.33 15.99 -11.82
N ILE C 127 23.61 15.65 -11.98
CA ILE C 127 24.05 14.69 -12.98
C ILE C 127 25.11 13.77 -12.37
N ALA C 128 24.84 12.47 -12.36
CA ALA C 128 25.73 11.52 -11.71
C ALA C 128 26.41 10.57 -12.69
N ILE C 129 27.72 10.70 -12.81
CA ILE C 129 28.53 9.77 -13.59
C ILE C 129 29.03 8.65 -12.69
N MET C 130 28.54 7.44 -12.92
CA MET C 130 28.85 6.32 -12.05
C MET C 130 29.63 5.21 -12.77
N GLY C 131 30.73 4.78 -12.16
CA GLY C 131 31.51 3.68 -12.66
C GLY C 131 31.39 2.48 -11.73
N TYR C 132 30.96 1.35 -12.27
CA TYR C 132 30.63 0.16 -11.51
C TYR C 132 31.07 -1.15 -12.13
N GLU C 133 31.04 -2.21 -11.36
CA GLU C 133 31.46 -3.52 -11.81
C GLU C 133 30.68 -4.62 -11.09
N TYR C 134 30.66 -5.81 -11.66
CA TYR C 134 30.08 -6.97 -10.98
C TYR C 134 31.16 -7.97 -10.57
N LYS C 135 31.52 -7.96 -9.30
CA LYS C 135 32.51 -8.88 -8.76
C LYS C 135 31.85 -9.93 -7.87
N SER C 136 31.90 -11.19 -8.29
CA SER C 136 31.22 -12.27 -7.59
C SER C 136 31.85 -12.57 -6.23
N LEU C 137 31.09 -12.33 -5.17
CA LEU C 137 31.54 -12.63 -3.81
C LEU C 137 30.44 -13.35 -3.04
N ALA C 138 30.85 -14.12 -2.02
CA ALA C 138 29.91 -14.85 -1.19
C ALA C 138 29.06 -13.89 -0.36
N MET C 139 27.76 -14.12 -0.32
CA MET C 139 26.84 -13.25 0.40
C MET C 139 26.08 -14.02 1.48
N ASN C 140 25.97 -13.43 2.66
CA ASN C 140 25.17 -14.01 3.73
C ASN C 140 23.69 -13.69 3.53
N ALA C 141 22.84 -14.22 4.38
CA ALA C 141 21.41 -14.01 4.28
C ALA C 141 21.04 -12.53 4.37
N GLU C 142 21.79 -11.80 5.20
CA GLU C 142 21.51 -10.39 5.42
C GLU C 142 21.79 -9.55 4.17
N GLN C 143 23.03 -9.61 3.69
CA GLN C 143 23.42 -8.86 2.50
C GLN C 143 22.80 -9.45 1.25
N ARG C 144 22.10 -10.57 1.42
CA ARG C 144 21.41 -11.23 0.31
C ARG C 144 20.20 -10.43 -0.15
N TYR C 145 19.58 -9.74 0.80
CA TYR C 145 18.38 -8.94 0.49
C TYR C 145 18.74 -7.60 -0.11
N VAL C 146 19.93 -7.10 0.20
CA VAL C 146 20.38 -5.82 -0.32
C VAL C 146 20.97 -5.99 -1.73
N ASN C 147 21.75 -7.06 -1.87
CA ASN C 147 22.25 -7.50 -3.16
C ASN C 147 22.36 -9.01 -3.18
N PRO C 148 22.13 -9.58 -4.35
CA PRO C 148 22.43 -10.99 -4.61
C PRO C 148 23.48 -11.21 -5.70
N LEU C 149 23.93 -10.14 -6.33
CA LEU C 149 24.79 -10.24 -7.51
C LEU C 149 26.22 -9.77 -7.27
N GLY C 150 26.47 -9.15 -6.12
CA GLY C 150 27.79 -8.63 -5.81
C GLY C 150 28.13 -7.40 -6.64
N PHE C 151 27.14 -6.52 -6.78
CA PHE C 151 27.32 -5.28 -7.53
C PHE C 151 28.03 -4.22 -6.70
N ARG C 152 28.88 -3.43 -7.35
CA ARG C 152 29.67 -2.41 -6.65
C ARG C 152 29.96 -1.22 -7.54
N VAL C 153 29.85 -0.02 -6.98
CA VAL C 153 30.17 1.21 -7.68
C VAL C 153 31.61 1.64 -7.40
N THR C 154 32.41 1.75 -8.46
CA THR C 154 33.82 2.09 -8.31
C THR C 154 34.11 3.56 -8.60
N SER C 155 33.10 4.27 -9.11
CA SER C 155 33.24 5.71 -9.30
C SER C 155 31.93 6.50 -9.25
N TYR C 156 31.86 7.49 -8.38
CA TYR C 156 30.67 8.32 -8.25
C TYR C 156 31.02 9.77 -8.42
N ARG C 157 30.22 10.51 -9.17
CA ARG C 157 30.41 11.95 -9.36
C ARG C 157 29.09 12.67 -9.59
N VAL C 158 28.72 13.51 -8.63
CA VAL C 158 27.48 14.27 -8.72
C VAL C 158 27.76 15.76 -8.87
N ASN C 159 27.09 16.40 -9.82
CA ASN C 159 27.29 17.82 -10.08
C ASN C 159 26.00 18.54 -10.45
N PRO C 160 25.95 19.82 -10.10
CA PRO C 160 24.82 20.74 -10.33
C PRO C 160 24.63 21.21 -11.77
N GLU C 161 23.44 21.74 -12.05
CA GLU C 161 22.95 22.06 -13.39
C GLU C 161 21.92 21.04 -13.84
N TYR D 25 -3.45 5.46 17.79
CA TYR D 25 -4.00 4.38 18.59
C TYR D 25 -4.26 3.14 17.73
N GLY D 26 -3.39 2.92 16.75
CA GLY D 26 -3.53 1.78 15.86
C GLY D 26 -3.89 2.21 14.44
N ASP D 27 -3.61 1.34 13.47
CA ASP D 27 -3.87 1.64 12.07
C ASP D 27 -5.36 1.85 11.78
N GLU D 28 -6.16 0.85 12.12
CA GLU D 28 -7.58 0.85 11.81
C GLU D 28 -8.31 2.04 12.42
N ILE D 29 -7.98 2.37 13.66
CA ILE D 29 -8.63 3.50 14.34
C ILE D 29 -8.26 4.81 13.67
N ASP D 30 -7.02 4.91 13.17
CA ASP D 30 -6.57 6.11 12.48
C ASP D 30 -7.19 6.19 11.09
N LYS D 31 -7.22 5.07 10.38
CA LYS D 31 -7.75 5.02 9.02
C LYS D 31 -9.23 5.37 8.99
N PHE D 32 -9.92 5.15 10.11
CA PHE D 32 -11.34 5.47 10.19
C PHE D 32 -11.58 6.97 10.15
N TRP D 33 -10.93 7.70 11.04
CA TRP D 33 -11.08 9.15 11.11
C TRP D 33 -10.55 9.82 9.84
N LEU D 34 -9.52 9.23 9.25
CA LEU D 34 -8.93 9.76 8.03
C LEU D 34 -9.89 9.66 6.86
N THR D 35 -10.35 8.45 6.57
CA THR D 35 -11.28 8.21 5.48
C THR D 35 -12.58 8.98 5.70
N GLN D 36 -13.05 8.98 6.95
CA GLN D 36 -14.25 9.74 7.31
C GLN D 36 -14.04 11.23 7.07
N TYR D 37 -12.82 11.70 7.31
CA TYR D 37 -12.49 13.12 7.11
C TYR D 37 -12.49 13.47 5.64
N VAL D 38 -11.89 12.61 4.81
CA VAL D 38 -11.89 12.80 3.38
C VAL D 38 -13.31 12.78 2.83
N ILE D 39 -14.13 11.89 3.39
CA ILE D 39 -15.53 11.79 3.00
C ILE D 39 -16.30 13.03 3.43
N HIS D 40 -15.94 13.57 4.60
CA HIS D 40 -16.61 14.76 5.12
C HIS D 40 -16.29 16.01 4.29
N ARG D 41 -15.02 16.19 3.97
CA ARG D 41 -14.57 17.42 3.33
C ARG D 41 -14.75 17.42 1.82
N GLU D 42 -14.40 16.30 1.18
CA GLU D 42 -14.42 16.23 -0.28
C GLU D 42 -15.79 15.88 -0.84
N SER D 43 -16.81 15.86 0.02
CA SER D 43 -18.16 15.54 -0.41
C SER D 43 -19.03 16.78 -0.47
N TYR D 44 -20.28 16.60 -0.87
CA TYR D 44 -21.24 17.69 -0.84
C TYR D 44 -22.65 17.16 -0.65
N ASP D 45 -23.28 17.63 0.43
CA ASP D 45 -24.61 17.17 0.86
C ASP D 45 -25.35 18.26 1.64
N PHE D 46 -26.67 18.12 1.79
CA PHE D 46 -27.49 19.15 2.41
C PHE D 46 -28.11 18.67 3.72
N TYR D 47 -28.55 17.43 3.75
CA TYR D 47 -28.99 16.84 4.99
C TYR D 47 -27.75 16.90 5.86
N SER D 48 -26.62 16.70 5.22
CA SER D 48 -25.34 16.50 5.88
C SER D 48 -24.48 17.76 5.84
N VAL D 49 -24.97 18.80 5.16
CA VAL D 49 -24.26 20.08 5.13
C VAL D 49 -24.26 20.68 6.52
N GLN D 50 -25.33 20.41 7.27
CA GLN D 50 -25.43 20.86 8.66
C GLN D 50 -24.75 19.85 9.56
N VAL D 51 -24.24 18.77 8.94
CA VAL D 51 -23.51 17.72 9.67
C VAL D 51 -22.06 17.51 9.24
N ASP D 52 -21.76 17.83 7.98
CA ASP D 52 -20.39 17.72 7.46
C ASP D 52 -19.55 18.95 7.81
N TYR D 53 -20.13 20.13 7.63
CA TYR D 53 -19.45 21.37 7.99
C TYR D 53 -19.12 21.36 9.47
N THR D 54 -20.10 20.98 10.28
CA THR D 54 -19.91 20.86 11.72
C THR D 54 -18.91 19.76 12.06
N ALA D 55 -18.90 18.71 11.24
CA ALA D 55 -18.02 17.57 11.47
C ALA D 55 -16.55 17.95 11.24
N VAL D 56 -16.27 18.58 10.10
CA VAL D 56 -14.91 18.97 9.76
C VAL D 56 -14.39 20.05 10.71
N GLY D 57 -15.32 20.79 11.32
CA GLY D 57 -14.96 21.87 12.22
C GLY D 57 -14.30 21.39 13.50
N LEU D 58 -14.53 20.13 13.84
CA LEU D 58 -13.99 19.56 15.06
C LEU D 58 -12.75 18.72 14.79
N MET D 59 -12.71 18.09 13.62
CA MET D 59 -11.59 17.23 13.25
C MET D 59 -10.45 18.02 12.60
N SER D 60 -10.53 19.34 12.70
CA SER D 60 -9.54 20.21 12.06
C SER D 60 -8.99 21.27 13.00
N THR D 61 -7.79 21.74 12.70
CA THR D 61 -7.21 22.86 13.42
C THR D 61 -7.71 24.17 12.82
N PRO D 62 -7.74 25.24 13.62
CA PRO D 62 -8.19 26.56 13.15
C PRO D 62 -7.35 27.09 11.99
N ASN D 63 -6.24 26.42 11.71
CA ASN D 63 -5.33 26.84 10.64
C ASN D 63 -5.69 26.22 9.28
N VAL D 64 -6.02 24.93 9.30
CA VAL D 64 -6.32 24.20 8.08
C VAL D 64 -7.82 24.08 7.85
N ALA D 65 -8.60 24.66 8.76
CA ALA D 65 -10.05 24.57 8.68
C ALA D 65 -10.66 25.79 7.98
N GLU D 66 -9.91 26.89 7.96
CA GLU D 66 -10.37 28.12 7.33
C GLU D 66 -10.25 28.04 5.81
N SER D 67 -9.43 27.10 5.33
CA SER D 67 -9.27 26.88 3.89
C SER D 67 -10.44 26.07 3.36
N TYR D 68 -11.08 25.32 4.26
CA TYR D 68 -12.26 24.53 3.92
C TYR D 68 -13.52 25.36 4.05
N GLN D 69 -13.66 26.17 5.07
CA GLN D 69 -14.84 27.02 5.08
C GLN D 69 -14.74 28.12 4.01
N SER D 70 -13.53 28.53 3.71
CA SER D 70 -13.38 29.66 2.78
C SER D 70 -14.23 29.49 1.53
N LYS D 71 -14.84 28.32 1.38
CA LYS D 71 -15.60 28.01 0.17
C LYS D 71 -17.04 28.56 0.24
N PHE D 72 -17.45 29.02 1.41
CA PHE D 72 -18.78 29.59 1.56
C PHE D 72 -18.72 30.97 2.22
N LYS D 73 -17.54 31.33 2.71
CA LYS D 73 -17.34 32.61 3.40
C LYS D 73 -17.79 33.78 2.54
N GLY D 74 -18.73 34.56 3.07
CA GLY D 74 -19.31 35.67 2.34
C GLY D 74 -20.75 35.35 1.96
N ARG D 75 -21.35 36.21 1.15
CA ARG D 75 -22.74 36.01 0.73
C ARG D 75 -22.87 34.80 -0.18
N ASN D 76 -21.91 34.65 -1.10
CA ASN D 76 -21.97 33.58 -2.07
C ASN D 76 -21.41 32.29 -1.49
N GLY D 77 -22.14 31.74 -0.53
CA GLY D 77 -21.83 30.41 0.00
C GLY D 77 -22.29 29.34 -0.97
N LEU D 78 -21.61 28.20 -0.97
CA LEU D 78 -21.97 27.10 -1.86
C LEU D 78 -23.39 26.61 -1.54
N ASP D 84 -29.04 23.18 -3.32
CA ASP D 84 -29.56 21.83 -3.59
C ASP D 84 -29.32 21.34 -5.02
N SER D 85 -29.01 22.28 -5.92
CA SER D 85 -28.94 22.00 -7.35
C SER D 85 -27.96 20.89 -7.77
N GLU D 86 -26.93 20.65 -6.97
CA GLU D 86 -25.93 19.64 -7.33
C GLU D 86 -25.40 18.85 -6.12
N THR D 87 -24.66 17.79 -6.41
CA THR D 87 -24.12 16.92 -5.38
C THR D 87 -22.74 16.39 -5.74
N THR D 88 -22.05 15.84 -4.75
CA THR D 88 -20.72 15.25 -4.96
C THR D 88 -20.47 14.16 -3.92
N ARG D 89 -20.29 12.92 -4.39
CA ARG D 89 -20.05 11.80 -3.49
C ARG D 89 -18.65 11.22 -3.66
N VAL D 90 -18.19 10.49 -2.65
CA VAL D 90 -16.82 10.00 -2.62
C VAL D 90 -16.75 8.52 -2.25
N LYS D 91 -15.76 7.82 -2.81
CA LYS D 91 -15.50 6.43 -2.45
C LYS D 91 -14.01 6.20 -2.25
N ILE D 92 -13.64 5.74 -1.06
CA ILE D 92 -12.25 5.45 -0.74
C ILE D 92 -11.77 4.22 -1.49
N ASN D 93 -10.55 4.28 -2.02
CA ASN D 93 -10.01 3.17 -2.80
C ASN D 93 -8.69 2.64 -2.23
N SER D 94 -8.08 3.43 -1.35
CA SER D 94 -6.83 3.03 -0.69
C SER D 94 -6.58 3.80 0.60
N VAL D 95 -5.81 3.18 1.47
CA VAL D 95 -5.19 3.85 2.60
C VAL D 95 -3.75 3.38 2.71
N ILE D 96 -2.81 4.31 2.82
CA ILE D 96 -1.46 3.98 3.24
C ILE D 96 -1.06 4.91 4.38
N LEU D 97 -0.43 4.35 5.41
CA LEU D 97 -0.15 5.12 6.62
C LEU D 97 1.33 5.35 6.90
N ASP D 98 1.64 6.52 7.44
CA ASP D 98 2.97 6.83 7.94
C ASP D 98 2.86 7.19 9.42
N LYS D 99 3.01 6.18 10.27
CA LYS D 99 2.69 6.29 11.69
C LYS D 99 3.43 7.41 12.45
N PRO D 100 4.78 7.33 12.49
CA PRO D 100 5.58 8.20 13.36
C PRO D 100 5.41 9.70 13.14
N HIS D 101 4.67 10.09 12.10
CA HIS D 101 4.55 11.50 11.75
C HIS D 101 3.11 12.00 11.83
N GLY D 102 2.15 11.08 11.81
CA GLY D 102 0.75 11.44 11.84
C GLY D 102 0.26 11.88 10.48
N VAL D 103 0.73 11.20 9.44
CA VAL D 103 0.37 11.53 8.06
C VAL D 103 -0.28 10.32 7.39
N ALA D 104 -0.92 10.54 6.25
CA ALA D 104 -1.57 9.46 5.52
C ALA D 104 -1.68 9.79 4.03
N THR D 105 -1.67 8.75 3.20
CA THR D 105 -1.80 8.92 1.77
C THR D 105 -3.09 8.29 1.26
N ILE D 106 -4.18 9.06 1.34
CA ILE D 106 -5.49 8.57 0.92
C ILE D 106 -5.74 8.87 -0.55
N ARG D 107 -6.34 7.90 -1.25
CA ARG D 107 -6.63 8.05 -2.67
C ARG D 107 -8.08 7.69 -2.94
N PHE D 108 -8.86 8.68 -3.38
CA PHE D 108 -10.29 8.51 -3.54
C PHE D 108 -10.82 9.02 -4.88
N THR D 109 -12.09 8.79 -5.14
CA THR D 109 -12.74 9.22 -6.38
C THR D 109 -14.05 9.94 -6.08
N THR D 110 -14.41 10.90 -6.91
CA THR D 110 -15.63 11.67 -6.70
C THR D 110 -16.58 11.58 -7.91
N VAL D 111 -17.84 11.90 -7.67
CA VAL D 111 -18.85 11.90 -8.73
C VAL D 111 -19.82 13.07 -8.55
N ARG D 112 -19.76 14.02 -9.48
CA ARG D 112 -20.62 15.20 -9.41
C ARG D 112 -21.96 14.93 -10.08
N ARG D 113 -23.02 15.58 -9.57
CA ARG D 113 -24.37 15.36 -10.07
C ARG D 113 -25.27 16.57 -9.82
N VAL D 114 -25.78 17.17 -10.90
CA VAL D 114 -26.69 18.30 -10.79
C VAL D 114 -28.14 17.82 -10.86
N ARG D 115 -29.05 18.51 -10.18
CA ARG D 115 -30.46 18.13 -10.19
C ARG D 115 -31.00 18.06 -11.61
N SER D 116 -30.52 18.97 -12.47
CA SER D 116 -31.02 19.09 -13.83
C SER D 116 -30.67 17.86 -14.68
N ASN D 117 -29.38 17.66 -14.91
CA ASN D 117 -28.90 16.54 -15.72
C ASN D 117 -29.38 15.20 -15.15
N PRO D 118 -30.16 14.45 -15.94
CA PRO D 118 -30.77 13.18 -15.52
C PRO D 118 -29.76 12.06 -15.25
N VAL D 119 -28.48 12.35 -15.42
CA VAL D 119 -27.44 11.35 -15.18
C VAL D 119 -26.23 11.96 -14.49
N ASP D 120 -25.39 11.11 -13.90
CA ASP D 120 -24.21 11.56 -13.19
C ASP D 120 -23.14 12.09 -14.14
N ASP D 121 -22.17 12.80 -13.58
CA ASP D 121 -21.05 13.31 -14.36
C ASP D 121 -19.93 12.28 -14.44
N GLN D 122 -18.99 12.47 -15.35
CA GLN D 122 -17.87 11.55 -15.49
C GLN D 122 -16.95 11.62 -14.28
N PRO D 123 -16.64 10.46 -13.70
CA PRO D 123 -15.82 10.34 -12.48
C PRO D 123 -14.41 10.93 -12.63
N GLN D 124 -13.84 11.35 -11.52
CA GLN D 124 -12.48 11.90 -11.50
C GLN D 124 -11.72 11.36 -10.30
N ARG D 125 -10.45 11.02 -10.50
CA ARG D 125 -9.66 10.39 -9.44
C ARG D 125 -8.59 11.33 -8.88
N TRP D 126 -8.43 11.29 -7.56
CA TRP D 126 -7.61 12.26 -6.85
C TRP D 126 -6.62 11.60 -5.89
N ILE D 127 -5.81 12.44 -5.24
CA ILE D 127 -4.85 11.98 -4.24
C ILE D 127 -4.68 13.04 -3.16
N ALA D 128 -4.55 12.61 -1.91
CA ALA D 128 -4.46 13.57 -0.80
C ALA D 128 -3.54 13.09 0.31
N ILE D 129 -2.82 14.02 0.92
CA ILE D 129 -2.13 13.74 2.17
C ILE D 129 -2.37 14.79 3.27
N MET D 130 -2.67 14.27 4.45
CA MET D 130 -3.12 15.05 5.57
C MET D 130 -2.31 14.85 6.85
N GLY D 131 -2.43 15.81 7.76
CA GLY D 131 -1.82 15.70 9.05
C GLY D 131 -2.88 15.47 10.10
N TYR D 132 -2.66 14.49 10.95
CA TYR D 132 -3.56 14.30 12.08
C TYR D 132 -2.80 14.10 13.39
N GLU D 133 -3.47 14.41 14.50
CA GLU D 133 -2.89 14.21 15.83
C GLU D 133 -3.96 13.80 16.82
N TYR D 134 -3.55 13.58 18.07
CA TYR D 134 -4.48 13.23 19.13
C TYR D 134 -4.24 14.09 20.37
N LYS D 135 -4.90 15.24 20.41
CA LYS D 135 -4.75 16.16 21.52
C LYS D 135 -6.12 16.49 22.14
N SER D 136 -6.50 15.72 23.16
CA SER D 136 -7.79 15.90 23.82
C SER D 136 -7.71 17.01 24.88
N LEU D 137 -7.46 18.23 24.44
CA LEU D 137 -7.52 19.38 25.33
C LEU D 137 -8.87 19.89 25.82
N ALA D 138 -9.82 20.10 24.91
CA ALA D 138 -11.19 20.48 25.27
C ALA D 138 -12.21 19.64 24.51
N MET D 139 -13.12 19.03 25.26
CA MET D 139 -14.13 18.18 24.66
C MET D 139 -15.45 18.24 25.43
N ASN D 140 -16.52 18.52 24.73
CA ASN D 140 -17.82 18.70 25.37
C ASN D 140 -18.88 17.78 24.81
N ALA D 141 -20.11 18.14 25.06
CA ALA D 141 -21.24 17.36 24.60
C ALA D 141 -21.20 17.31 23.09
N GLU D 142 -20.56 18.30 22.49
CA GLU D 142 -20.51 18.41 21.04
C GLU D 142 -19.84 17.26 20.27
N GLN D 143 -18.68 16.80 20.74
CA GLN D 143 -17.80 15.92 20.00
C GLN D 143 -18.03 14.42 20.24
N ARG D 144 -18.85 14.05 21.21
CA ARG D 144 -19.02 12.62 21.41
C ARG D 144 -19.54 11.88 20.15
N TYR D 145 -20.51 12.46 19.45
CA TYR D 145 -21.04 11.85 18.21
C TYR D 145 -20.08 11.74 17.00
N VAL D 146 -19.32 12.80 16.77
CA VAL D 146 -18.40 12.95 15.63
C VAL D 146 -16.92 12.68 15.95
N ASN D 147 -16.49 13.15 17.10
CA ASN D 147 -15.07 13.18 17.49
C ASN D 147 -14.83 13.17 19.01
N PRO D 148 -15.03 12.02 19.66
CA PRO D 148 -14.78 11.91 21.10
C PRO D 148 -13.35 11.52 21.43
N LEU D 149 -12.58 11.13 20.42
CA LEU D 149 -11.18 10.74 20.63
C LEU D 149 -10.24 11.88 20.30
N GLY D 150 -10.80 13.03 19.97
CA GLY D 150 -10.01 14.22 19.70
C GLY D 150 -9.13 14.13 18.46
N PHE D 151 -9.66 13.52 17.41
CA PHE D 151 -8.94 13.45 16.14
C PHE D 151 -8.92 14.81 15.46
N ARG D 152 -7.73 15.36 15.28
CA ARG D 152 -7.60 16.70 14.72
C ARG D 152 -6.66 16.72 13.53
N VAL D 153 -7.08 17.39 12.46
CA VAL D 153 -6.29 17.49 11.24
C VAL D 153 -5.47 18.78 11.20
N THR D 154 -4.16 18.65 11.05
CA THR D 154 -3.27 19.81 11.04
C THR D 154 -2.98 20.29 9.63
N SER D 155 -2.52 19.39 8.77
CA SER D 155 -2.20 19.73 7.39
C SER D 155 -3.17 19.08 6.42
N TYR D 156 -3.30 19.70 5.25
CA TYR D 156 -4.05 19.12 4.17
C TYR D 156 -3.52 19.64 2.85
N ARG D 157 -3.60 18.78 1.85
CA ARG D 157 -3.50 19.16 0.46
C ARG D 157 -4.22 18.07 -0.33
N VAL D 158 -4.72 18.43 -1.50
CA VAL D 158 -5.19 17.41 -2.44
C VAL D 158 -4.83 17.77 -3.88
N ASN D 159 -4.22 16.82 -4.58
CA ASN D 159 -3.90 16.99 -6.00
C ASN D 159 -4.42 15.81 -6.81
N PRO D 160 -4.82 16.09 -8.07
CA PRO D 160 -5.45 15.08 -8.94
C PRO D 160 -4.51 13.97 -9.36
N GLU D 161 -5.05 12.99 -10.09
CA GLU D 161 -4.25 11.90 -10.62
C GLU D 161 -4.88 11.38 -11.90
N VAL D 162 -4.14 11.47 -13.01
CA VAL D 162 -4.66 11.04 -14.30
C VAL D 162 -3.64 10.16 -15.03
N ASN D 163 -3.48 8.94 -14.53
CA ASN D 163 -2.60 7.96 -15.15
C ASN D 163 -1.14 8.43 -15.20
OAM XXE E . -7.93 -7.93 11.25
CAL XXE E . -8.08 -9.16 11.01
OAN XXE E . -8.91 -9.83 11.68
CAH XXE E . -7.28 -9.82 9.92
CAG XXE E . -7.82 -10.88 9.21
NAI XXE E . -6.03 -9.36 9.63
CAJ XXE E . -5.30 -9.95 8.64
CAK XXE E . -5.83 -11.03 7.94
CAF XXE E . -7.08 -11.48 8.23
NAA XXE E . -7.62 -12.57 7.51
CAB XXE E . -8.39 -13.62 8.04
CAC XXE E . -8.71 -14.49 7.00
CAD XXE E . -8.13 -13.99 5.82
CAE XXE E . -7.46 -12.81 6.13
HAG XXE E . -8.71 -11.21 9.42
HAJ XXE E . -4.41 -9.63 8.43
HAK XXE E . -5.30 -11.46 7.23
HAB XXE E . -8.65 -13.71 8.98
HAC XXE E . -9.24 -15.30 7.08
HAD XXE E . -8.20 -14.40 4.93
HAE XXE E . -6.97 -12.25 5.51
#